data_4GQI
#
_entry.id   4GQI
#
_cell.length_a   55.879
_cell.length_b   82.764
_cell.length_c   106.353
_cell.angle_alpha   90.000
_cell.angle_beta   90.000
_cell.angle_gamma   90.000
#
_symmetry.space_group_name_H-M   'P 21 21 21'
#
loop_
_entity.id
_entity.type
_entity.pdbx_description
1 polymer 'Ribosyldihydronicotinamide dehydrogenase [quinone]'
2 non-polymer 'ZINC ION'
3 non-polymer GLYCEROL
4 non-polymer 'FLAVIN-ADENINE DINUCLEOTIDE'
5 non-polymer N-{(3R)-3-[2-(acetylamino)ethyl]-2-oxo-2,3-dihydro-1H-indol-5-yl}acetamide
6 water water
#
_entity_poly.entity_id   1
_entity_poly.type   'polypeptide(L)'
_entity_poly.pdbx_seq_one_letter_code
;AGKKVLIVYAHQEPKSFNGSLKNVAVDELSRQGCTVTVSDLYAMNFEPRATDKDITGTLSNPEVFNYGVETHEAYKQRSL
ASDITDEQKKVREADLVIFQFPLYWFSVPAILKGWMDRVLCQGFAFDIPGFYDSGLLQGKLALLSVTTGGTAEMYTKTGV
NGDSRYFLWPLQHGTLHFCGFKVLAPQISFAPEIASEEERKGMVAAWSQRLQTIWKEEPIPCTAHWHFGQ
;
_entity_poly.pdbx_strand_id   A,B
#
# COMPACT_ATOMS: atom_id res chain seq x y z
N ALA A 1 30.85 3.76 -9.17
CA ALA A 1 31.45 5.12 -9.07
C ALA A 1 31.14 5.98 -10.32
N GLY A 2 31.10 7.32 -10.19
CA GLY A 2 30.80 8.00 -8.93
C GLY A 2 29.29 8.00 -8.77
N LYS A 3 28.70 6.82 -8.66
CA LYS A 3 27.25 6.71 -8.59
C LYS A 3 26.75 6.83 -7.16
N LYS A 4 25.56 7.38 -7.01
CA LYS A 4 24.99 7.48 -5.68
C LYS A 4 23.73 6.65 -5.58
N VAL A 5 23.68 5.87 -4.50
CA VAL A 5 22.61 4.92 -4.22
C VAL A 5 21.91 5.25 -2.88
N LEU A 6 20.58 5.30 -2.95
CA LEU A 6 19.78 5.37 -1.70
C LEU A 6 19.06 4.05 -1.54
N ILE A 7 19.24 3.40 -0.38
CA ILE A 7 18.46 2.23 -0.05
C ILE A 7 17.36 2.67 0.95
N VAL A 8 16.10 2.52 0.53
CA VAL A 8 14.99 2.73 1.51
C VAL A 8 14.60 1.37 2.04
N TYR A 9 14.86 1.18 3.33
CA TYR A 9 14.78 -0.16 3.91
C TYR A 9 13.66 -0.17 4.95
N ALA A 10 12.83 -1.22 4.90
CA ALA A 10 11.65 -1.34 5.80
C ALA A 10 11.58 -2.73 6.40
N HIS A 11 12.35 -2.94 7.44
CA HIS A 11 12.20 -4.15 8.23
C HIS A 11 12.63 -3.78 9.67
N GLN A 12 11.95 -4.38 10.66
CA GLN A 12 12.15 -4.07 12.07
C GLN A 12 13.39 -4.76 12.64
N GLU A 13 13.85 -5.82 11.96
CA GLU A 13 14.88 -6.71 12.53
C GLU A 13 16.20 -6.70 11.71
N PRO A 14 17.32 -6.26 12.33
CA PRO A 14 18.61 -6.22 11.61
C PRO A 14 19.08 -7.62 11.21
N LYS A 15 18.74 -8.64 12.00
CA LYS A 15 19.21 -10.01 11.74
C LYS A 15 18.31 -10.70 10.70
N SER A 16 17.34 -9.99 10.13
CA SER A 16 16.32 -10.64 9.27
C SER A 16 16.90 -10.93 7.89
N PHE A 17 16.16 -11.63 7.06
CA PHE A 17 16.63 -11.88 5.68
C PHE A 17 16.68 -10.54 4.92
N ASN A 18 15.72 -9.66 5.20
CA ASN A 18 15.72 -8.30 4.58
C ASN A 18 16.93 -7.49 5.05
N GLY A 19 17.27 -7.62 6.34
CA GLY A 19 18.48 -6.99 6.85
C GLY A 19 19.73 -7.45 6.13
N SER A 20 19.86 -8.76 5.88
CA SER A 20 21.06 -9.29 5.19
C SER A 20 21.10 -8.78 3.76
N LEU A 21 19.94 -8.57 3.13
CA LEU A 21 19.92 -8.11 1.76
C LEU A 21 20.32 -6.65 1.65
N LYS A 22 19.86 -5.88 2.60
CA LYS A 22 20.22 -4.44 2.68
C LYS A 22 21.71 -4.36 2.99
N ASN A 23 22.19 -5.17 3.94
CA ASN A 23 23.64 -5.19 4.26
C ASN A 23 24.55 -5.65 3.13
N VAL A 24 24.16 -6.68 2.38
CA VAL A 24 25.01 -7.00 1.21
C VAL A 24 24.99 -5.93 0.14
N ALA A 25 23.88 -5.22 0.04
CA ALA A 25 23.80 -4.14 -0.90
C ALA A 25 24.72 -2.98 -0.52
N VAL A 26 24.60 -2.49 0.72
CA VAL A 26 25.62 -1.57 1.25
C VAL A 26 27.03 -2.14 1.00
N ASP A 27 27.36 -3.36 1.43
CA ASP A 27 28.77 -3.81 1.29
C ASP A 27 29.26 -3.83 -0.16
N GLU A 28 28.40 -4.35 -1.04
CA GLU A 28 28.81 -4.56 -2.40
C GLU A 28 28.91 -3.23 -3.19
N LEU A 29 27.91 -2.37 -3.03
CA LEU A 29 27.92 -1.00 -3.63
C LEU A 29 29.05 -0.13 -3.05
N SER A 30 29.27 -0.24 -1.75
CA SER A 30 30.39 0.47 -1.14
C SER A 30 31.79 0.03 -1.68
N ARG A 31 31.95 -1.29 -1.78
CA ARG A 31 33.16 -1.88 -2.39
C ARG A 31 33.42 -1.40 -3.80
N GLN A 32 32.37 -1.13 -4.54
CA GLN A 32 32.57 -0.70 -5.91
C GLN A 32 32.91 0.77 -5.96
N GLY A 33 32.85 1.45 -4.82
CA GLY A 33 33.18 2.85 -4.82
C GLY A 33 31.95 3.76 -4.86
N CYS A 34 30.70 3.21 -4.87
CA CYS A 34 29.50 4.06 -4.89
C CYS A 34 29.27 4.82 -3.55
N THR A 35 28.63 5.96 -3.64
CA THR A 35 28.09 6.65 -2.44
C THR A 35 26.79 5.96 -2.03
N VAL A 36 26.69 5.55 -0.78
CA VAL A 36 25.53 4.80 -0.38
C VAL A 36 24.94 5.47 0.85
N THR A 37 23.62 5.52 0.90
CA THR A 37 22.88 6.09 2.02
C THR A 37 21.75 5.13 2.25
N VAL A 38 21.39 4.90 3.52
CA VAL A 38 20.28 3.98 3.84
C VAL A 38 19.28 4.73 4.71
N SER A 39 18.00 4.75 4.28
CA SER A 39 16.93 5.30 5.15
C SER A 39 16.29 4.08 5.81
N ASP A 40 16.67 3.82 7.07
CA ASP A 40 16.14 2.69 7.84
C ASP A 40 14.82 3.17 8.51
N LEU A 41 13.70 2.98 7.79
CA LEU A 41 12.42 3.55 8.18
C LEU A 41 12.01 3.25 9.62
N TYR A 42 12.10 1.98 10.05
CA TYR A 42 11.65 1.67 11.40
C TYR A 42 12.55 2.25 12.47
N ALA A 43 13.86 2.26 12.18
CA ALA A 43 14.82 2.76 13.18
C ALA A 43 14.65 4.28 13.38
N MET A 44 14.25 4.91 12.29
CA MET A 44 13.93 6.33 12.30
C MET A 44 12.55 6.63 12.87
N ASN A 45 11.75 5.58 13.15
CA ASN A 45 10.34 5.74 13.53
C ASN A 45 9.65 6.67 12.50
N PHE A 46 9.97 6.43 11.24
CA PHE A 46 9.37 7.17 10.16
C PHE A 46 7.85 7.37 10.20
N GLU A 47 7.39 8.62 10.07
CA GLU A 47 5.96 8.94 10.14
C GLU A 47 5.28 8.56 8.82
N PRO A 48 4.34 7.59 8.83
CA PRO A 48 3.67 7.17 7.61
C PRO A 48 2.42 7.98 7.30
N ARG A 49 1.86 8.73 8.28
CA ARG A 49 0.55 9.28 8.04
C ARG A 49 0.67 10.63 7.32
N ALA A 50 -0.19 10.83 6.32
CA ALA A 50 -0.23 12.13 5.60
C ALA A 50 -1.13 13.08 6.37
N THR A 51 -0.53 14.10 7.02
CA THR A 51 -1.37 14.94 7.87
C THR A 51 -0.90 16.34 7.70
N ASP A 52 -1.71 17.26 8.23
CA ASP A 52 -1.37 18.68 8.19
C ASP A 52 -0.13 19.02 9.03
N LYS A 53 0.47 18.05 9.75
CA LYS A 53 1.79 18.31 10.39
C LYS A 53 2.90 18.36 9.36
N ASP A 54 2.62 17.84 8.15
CA ASP A 54 3.65 17.76 7.07
C ASP A 54 3.97 19.12 6.47
N ILE A 55 3.17 20.11 6.86
CA ILE A 55 3.40 21.48 6.42
C ILE A 55 3.69 22.34 7.67
N THR A 56 4.76 23.15 7.60
CA THR A 56 5.19 24.08 8.67
C THR A 56 4.70 25.48 8.32
N GLY A 57 4.58 26.34 9.35
CA GLY A 57 4.03 27.68 9.15
C GLY A 57 2.53 27.53 9.00
N THR A 58 1.89 28.47 8.33
CA THR A 58 0.44 28.37 8.23
C THR A 58 -0.01 27.82 6.84
N LEU A 59 -1.21 27.25 6.80
CA LEU A 59 -1.63 26.46 5.65
C LEU A 59 -2.28 27.35 4.57
N SER A 60 -2.16 27.01 3.29
CA SER A 60 -2.78 27.88 2.27
C SER A 60 -4.30 27.80 2.25
N ASN A 61 -4.88 26.84 2.99
CA ASN A 61 -6.32 26.90 3.37
C ASN A 61 -6.59 26.23 4.73
N PRO A 62 -6.47 27.01 5.82
CA PRO A 62 -6.70 26.53 7.20
C PRO A 62 -8.15 26.01 7.50
N GLU A 63 -9.08 26.17 6.56
CA GLU A 63 -10.49 25.82 6.80
C GLU A 63 -10.89 24.42 6.25
N VAL A 64 -10.27 24.01 5.16
CA VAL A 64 -10.63 22.78 4.47
C VAL A 64 -9.30 22.20 4.00
N PHE A 65 -8.79 21.22 4.71
CA PHE A 65 -7.46 20.67 4.43
C PHE A 65 -7.38 19.68 3.26
N ASN A 66 -6.64 20.09 2.23
CA ASN A 66 -6.41 19.24 1.04
C ASN A 66 -4.93 18.87 0.94
N TYR A 67 -4.59 17.62 1.28
CA TYR A 67 -3.21 17.25 1.46
C TYR A 67 -2.37 17.50 0.18
N GLY A 68 -2.88 17.11 -0.99
CA GLY A 68 -2.16 17.27 -2.25
C GLY A 68 -1.86 18.72 -2.56
N VAL A 69 -2.85 19.59 -2.39
CA VAL A 69 -2.65 21.00 -2.69
C VAL A 69 -1.69 21.65 -1.68
N GLU A 70 -1.93 21.39 -0.41
CA GLU A 70 -1.10 21.95 0.66
C GLU A 70 0.37 21.52 0.49
N THR A 71 0.64 20.24 0.19
CA THR A 71 2.01 19.82 0.04
C THR A 71 2.68 20.31 -1.20
N HIS A 72 1.94 20.45 -2.32
CA HIS A 72 2.47 20.99 -3.58
C HIS A 72 2.86 22.46 -3.33
N GLU A 73 1.98 23.23 -2.70
CA GLU A 73 2.32 24.66 -2.29
C GLU A 73 3.52 24.68 -1.34
N ALA A 74 3.51 23.84 -0.29
CA ALA A 74 4.60 23.78 0.67
C ALA A 74 5.98 23.40 0.05
N TYR A 75 6.01 22.41 -0.85
CA TYR A 75 7.20 22.14 -1.62
C TYR A 75 7.76 23.42 -2.31
N LYS A 76 6.88 24.16 -3.02
CA LYS A 76 7.28 25.33 -3.76
C LYS A 76 7.75 26.46 -2.82
N GLN A 77 7.13 26.57 -1.63
CA GLN A 77 7.47 27.58 -0.63
C GLN A 77 8.49 27.11 0.41
N ARG A 78 9.14 25.97 0.19
CA ARG A 78 10.15 25.40 1.14
C ARG A 78 9.62 25.26 2.59
N SER A 79 8.39 24.76 2.72
CA SER A 79 7.68 24.76 3.98
C SER A 79 7.21 23.34 4.38
N LEU A 80 7.86 22.30 3.85
CA LEU A 80 7.52 20.94 4.25
C LEU A 80 8.24 20.56 5.55
N ALA A 81 7.63 19.66 6.31
CA ALA A 81 8.32 19.08 7.50
C ALA A 81 9.73 18.59 7.11
N SER A 82 10.66 18.71 8.05
CA SER A 82 12.06 18.38 7.79
C SER A 82 12.27 16.82 7.64
N ASP A 83 11.39 15.98 8.16
CA ASP A 83 11.58 14.57 7.86
C ASP A 83 11.35 14.27 6.34
N ILE A 84 10.39 14.95 5.72
CA ILE A 84 10.14 14.83 4.29
C ILE A 84 11.28 15.43 3.46
N THR A 85 11.68 16.64 3.81
CA THR A 85 12.74 17.33 3.02
C THR A 85 14.12 16.60 3.11
N ASP A 86 14.41 16.02 4.27
CA ASP A 86 15.60 15.15 4.45
C ASP A 86 15.51 13.99 3.46
N GLU A 87 14.36 13.33 3.35
CA GLU A 87 14.28 12.20 2.41
C GLU A 87 14.36 12.72 0.95
N GLN A 88 13.71 13.85 0.66
CA GLN A 88 13.72 14.37 -0.71
C GLN A 88 15.16 14.67 -1.14
N LYS A 89 15.93 15.29 -0.24
CA LYS A 89 17.36 15.54 -0.53
C LYS A 89 18.13 14.25 -0.90
N LYS A 90 17.92 13.18 -0.14
CA LYS A 90 18.59 11.92 -0.40
C LYS A 90 18.15 11.35 -1.79
N VAL A 91 16.84 11.44 -2.10
CA VAL A 91 16.35 11.01 -3.40
C VAL A 91 16.92 11.91 -4.54
N ARG A 92 16.90 13.22 -4.35
CA ARG A 92 17.41 14.11 -5.39
C ARG A 92 18.89 13.81 -5.71
N GLU A 93 19.67 13.41 -4.69
CA GLU A 93 21.12 13.12 -4.92
C GLU A 93 21.35 11.74 -5.58
N ALA A 94 20.39 10.84 -5.37
CA ALA A 94 20.52 9.43 -5.68
C ALA A 94 20.44 9.22 -7.22
N ASP A 95 21.31 8.38 -7.75
CA ASP A 95 21.19 7.92 -9.16
C ASP A 95 20.32 6.69 -9.22
N LEU A 96 20.24 5.95 -8.10
CA LEU A 96 19.51 4.68 -8.00
C LEU A 96 18.84 4.63 -6.63
N VAL A 97 17.55 4.38 -6.61
CA VAL A 97 16.87 4.12 -5.34
C VAL A 97 16.49 2.65 -5.30
N ILE A 98 16.98 1.97 -4.27
CA ILE A 98 16.60 0.58 -4.04
C ILE A 98 15.66 0.54 -2.83
N PHE A 99 14.53 -0.13 -3.00
CA PHE A 99 13.56 -0.39 -1.92
C PHE A 99 13.75 -1.78 -1.48
N GLN A 100 14.01 -1.96 -0.18
CA GLN A 100 14.21 -3.30 0.37
C GLN A 100 13.11 -3.56 1.43
N PHE A 101 12.27 -4.60 1.20
CA PHE A 101 11.08 -4.80 2.02
C PHE A 101 10.46 -6.17 1.88
N PRO A 102 9.86 -6.66 2.99
CA PRO A 102 9.06 -7.86 2.93
C PRO A 102 7.71 -7.47 2.31
N LEU A 103 7.16 -8.32 1.43
CA LEU A 103 5.87 -8.04 0.84
C LEU A 103 4.77 -8.14 1.98
N TYR A 104 3.96 -7.08 2.13
CA TYR A 104 2.84 -7.05 3.13
C TYR A 104 1.56 -6.82 2.32
N TRP A 105 0.67 -7.82 2.26
CA TRP A 105 -0.60 -7.68 1.54
C TRP A 105 -0.39 -7.22 0.08
N PHE A 106 0.53 -7.93 -0.60
CA PHE A 106 0.82 -7.78 -2.03
C PHE A 106 1.29 -6.37 -2.27
N SER A 107 1.90 -5.73 -1.26
CA SER A 107 2.37 -4.38 -1.39
C SER A 107 3.52 -4.11 -0.39
N VAL A 108 3.79 -2.83 -0.13
CA VAL A 108 4.89 -2.41 0.76
C VAL A 108 4.28 -2.37 2.16
N PRO A 109 5.08 -2.61 3.17
CA PRO A 109 4.61 -2.37 4.55
C PRO A 109 4.17 -0.90 4.71
N ALA A 110 3.16 -0.62 5.55
CA ALA A 110 2.60 0.74 5.66
C ALA A 110 3.67 1.80 5.90
N ILE A 111 4.72 1.48 6.66
CA ILE A 111 5.70 2.54 6.99
C ILE A 111 6.39 3.08 5.70
N LEU A 112 6.62 2.16 4.75
CA LEU A 112 7.18 2.51 3.43
C LEU A 112 6.13 3.07 2.51
N LYS A 113 4.87 2.63 2.64
CA LYS A 113 3.79 3.21 1.83
C LYS A 113 3.78 4.71 2.27
N GLY A 114 3.99 4.98 3.54
CA GLY A 114 3.87 6.41 4.00
C GLY A 114 5.07 7.22 3.52
N TRP A 115 6.23 6.58 3.40
CA TRP A 115 7.39 7.28 2.77
C TRP A 115 7.01 7.66 1.33
N MET A 116 6.48 6.71 0.54
CA MET A 116 6.06 7.09 -0.81
CA MET A 116 6.01 7.06 -0.81
C MET A 116 4.99 8.22 -0.79
N ASP A 117 3.96 8.07 0.05
CA ASP A 117 2.85 9.07 0.07
C ASP A 117 3.35 10.46 0.43
N ARG A 118 4.27 10.50 1.38
CA ARG A 118 4.73 11.80 1.98
C ARG A 118 5.97 12.42 1.28
N VAL A 119 6.88 11.57 0.80
CA VAL A 119 8.15 12.09 0.20
C VAL A 119 7.95 12.45 -1.26
N LEU A 120 7.13 11.67 -1.96
CA LEU A 120 6.96 11.83 -3.39
C LEU A 120 5.81 12.77 -3.73
N CYS A 121 5.94 14.05 -3.32
CA CYS A 121 4.88 15.02 -3.45
C CYS A 121 4.93 15.74 -4.77
N GLN A 122 3.81 16.32 -5.12
CA GLN A 122 3.70 17.03 -6.36
C GLN A 122 4.67 18.19 -6.36
N GLY A 123 5.42 18.31 -7.46
CA GLY A 123 6.40 19.41 -7.62
C GLY A 123 7.81 18.90 -7.35
N PHE A 124 7.91 17.93 -6.45
CA PHE A 124 9.16 17.16 -6.25
C PHE A 124 9.25 15.99 -7.23
N ALA A 125 8.34 15.01 -7.10
CA ALA A 125 8.42 13.76 -7.82
C ALA A 125 7.63 13.75 -9.14
N PHE A 126 6.64 14.61 -9.28
CA PHE A 126 5.79 14.61 -10.48
C PHE A 126 5.07 15.91 -10.53
N ASP A 127 4.61 16.31 -11.74
CA ASP A 127 3.80 17.50 -11.91
C ASP A 127 2.91 17.42 -13.22
N ILE A 128 2.13 18.48 -13.47
CA ILE A 128 1.51 18.73 -14.74
C ILE A 128 2.45 19.80 -15.40
N PRO A 129 3.29 19.37 -16.39
CA PRO A 129 3.40 18.00 -16.89
C PRO A 129 4.54 17.31 -16.14
N GLY A 130 4.92 16.11 -16.59
CA GLY A 130 6.04 15.47 -15.93
C GLY A 130 5.48 14.38 -15.06
N PHE A 131 4.98 13.37 -15.74
CA PHE A 131 4.66 12.11 -15.09
C PHE A 131 4.86 11.05 -16.18
N TYR A 132 4.92 9.80 -15.74
CA TYR A 132 5.39 8.70 -16.56
C TYR A 132 6.78 9.05 -17.15
N ASP A 133 6.99 8.89 -18.46
CA ASP A 133 8.33 9.01 -19.03
C ASP A 133 9.02 10.36 -18.71
N SER A 134 8.20 11.43 -18.62
CA SER A 134 8.64 12.78 -18.21
C SER A 134 8.40 13.17 -16.71
N GLY A 135 8.16 12.21 -15.81
CA GLY A 135 8.08 12.58 -14.40
C GLY A 135 9.39 13.22 -13.92
N LEU A 136 9.33 13.96 -12.79
CA LEU A 136 10.45 14.85 -12.37
C LEU A 136 11.73 14.16 -11.96
N LEU A 137 11.65 12.86 -11.70
CA LEU A 137 12.80 12.07 -11.25
C LEU A 137 13.37 11.30 -12.43
N GLN A 138 13.04 11.72 -13.65
CA GLN A 138 13.58 11.01 -14.84
C GLN A 138 15.09 11.08 -14.86
N GLY A 139 15.75 10.05 -15.36
CA GLY A 139 17.23 9.96 -15.28
C GLY A 139 17.61 9.01 -14.13
N LYS A 140 16.73 8.81 -13.16
CA LYS A 140 17.07 7.97 -12.00
C LYS A 140 16.59 6.55 -12.21
N LEU A 141 17.25 5.60 -11.56
CA LEU A 141 16.84 4.21 -11.61
C LEU A 141 16.13 3.90 -10.33
N ALA A 142 15.21 2.94 -10.40
CA ALA A 142 14.64 2.43 -9.12
C ALA A 142 14.49 0.95 -9.26
N LEU A 143 14.51 0.29 -8.11
CA LEU A 143 14.53 -1.16 -8.08
C LEU A 143 13.81 -1.64 -6.80
N LEU A 144 12.83 -2.54 -6.94
CA LEU A 144 12.21 -3.15 -5.79
C LEU A 144 12.87 -4.46 -5.47
N SER A 145 13.41 -4.60 -4.24
CA SER A 145 13.95 -5.89 -3.73
C SER A 145 13.00 -6.38 -2.65
N VAL A 146 12.24 -7.43 -2.97
CA VAL A 146 11.08 -7.77 -2.18
C VAL A 146 11.35 -9.19 -1.76
N THR A 147 10.91 -9.51 -0.54
CA THR A 147 10.95 -10.90 -0.08
C THR A 147 9.50 -11.29 0.17
N THR A 148 9.14 -12.55 -0.08
CA THR A 148 7.76 -12.98 0.13
C THR A 148 7.65 -14.11 1.18
N GLY A 149 6.45 -14.30 1.75
CA GLY A 149 6.12 -15.55 2.46
C GLY A 149 5.70 -16.63 1.49
N GLY A 150 4.98 -16.25 0.43
CA GLY A 150 4.55 -17.22 -0.61
C GLY A 150 5.64 -17.71 -1.53
N THR A 151 5.48 -18.96 -2.04
CA THR A 151 6.51 -19.58 -2.89
C THR A 151 6.39 -19.09 -4.32
N ALA A 152 7.45 -19.30 -5.11
CA ALA A 152 7.43 -18.94 -6.52
C ALA A 152 6.26 -19.54 -7.30
N GLU A 153 5.93 -20.81 -7.06
CA GLU A 153 4.80 -21.43 -7.77
C GLU A 153 3.42 -20.79 -7.44
N MET A 154 3.25 -20.37 -6.17
CA MET A 154 2.04 -19.66 -5.73
C MET A 154 1.91 -18.41 -6.54
N TYR A 155 3.07 -17.88 -6.97
CA TYR A 155 3.12 -16.61 -7.71
C TYR A 155 3.32 -16.86 -9.23
N THR A 156 2.50 -17.70 -9.82
CA THR A 156 2.44 -17.78 -11.27
C THR A 156 0.99 -17.57 -11.72
N LYS A 157 0.75 -17.41 -13.03
CA LYS A 157 -0.50 -16.79 -13.51
C LYS A 157 -1.75 -17.60 -13.16
N THR A 158 -1.56 -18.91 -13.09
CA THR A 158 -2.64 -19.81 -12.73
C THR A 158 -2.48 -20.32 -11.29
N GLY A 159 -1.43 -19.87 -10.58
CA GLY A 159 -1.26 -20.20 -9.16
C GLY A 159 -2.24 -19.37 -8.31
N VAL A 160 -2.37 -19.66 -7.01
CA VAL A 160 -3.40 -18.93 -6.21
C VAL A 160 -3.21 -17.41 -6.11
N ASN A 161 -1.96 -16.99 -6.14
CA ASN A 161 -1.64 -15.56 -5.96
C ASN A 161 -1.57 -14.76 -7.25
N GLY A 162 -1.60 -15.45 -8.40
CA GLY A 162 -1.38 -14.79 -9.69
C GLY A 162 0.10 -14.46 -9.88
N ASP A 163 0.44 -13.97 -11.08
CA ASP A 163 1.82 -13.64 -11.46
C ASP A 163 2.32 -12.58 -10.48
N SER A 164 3.58 -12.72 -10.03
CA SER A 164 4.28 -11.69 -9.26
C SER A 164 4.08 -10.32 -9.88
N ARG A 165 4.09 -10.28 -11.22
CA ARG A 165 4.01 -9.03 -11.95
C ARG A 165 2.69 -8.31 -11.70
N TYR A 166 1.64 -9.07 -11.41
CA TYR A 166 0.35 -8.46 -11.07
C TYR A 166 0.44 -7.50 -9.89
N PHE A 167 1.14 -7.89 -8.82
CA PHE A 167 1.17 -6.98 -7.69
C PHE A 167 2.24 -5.87 -7.85
N LEU A 168 3.20 -6.03 -8.77
CA LEU A 168 4.23 -4.98 -9.01
C LEU A 168 3.64 -3.71 -9.64
N TRP A 169 2.49 -3.84 -10.31
CA TRP A 169 1.96 -2.75 -11.14
C TRP A 169 1.75 -1.42 -10.36
N PRO A 170 1.05 -1.47 -9.19
CA PRO A 170 0.86 -0.24 -8.45
C PRO A 170 2.20 0.44 -8.05
N LEU A 171 3.20 -0.38 -7.77
CA LEU A 171 4.52 0.08 -7.28
C LEU A 171 5.40 0.45 -8.45
N GLN A 172 5.66 -0.48 -9.38
CA GLN A 172 6.52 -0.19 -10.53
C GLN A 172 5.92 0.86 -11.44
N HIS A 173 4.65 0.67 -11.87
CA HIS A 173 4.10 1.59 -12.87
C HIS A 173 3.41 2.77 -12.16
N GLY A 174 2.53 2.48 -11.23
CA GLY A 174 1.70 3.56 -10.67
C GLY A 174 2.47 4.52 -9.76
N THR A 175 3.61 4.08 -9.23
CA THR A 175 4.43 4.92 -8.36
C THR A 175 5.76 5.30 -9.08
N LEU A 176 6.63 4.32 -9.35
CA LEU A 176 8.03 4.63 -9.74
C LEU A 176 8.05 5.25 -11.14
N HIS A 177 7.50 4.54 -12.11
CA HIS A 177 7.31 5.05 -13.47
C HIS A 177 6.59 6.38 -13.47
N PHE A 178 5.53 6.49 -12.68
CA PHE A 178 4.78 7.72 -12.70
C PHE A 178 5.65 8.93 -12.38
N CYS A 179 6.54 8.75 -11.44
CA CYS A 179 7.50 9.75 -11.04
C CYS A 179 8.69 9.89 -12.02
N GLY A 180 8.81 9.05 -13.04
CA GLY A 180 9.86 9.26 -14.03
C GLY A 180 11.05 8.30 -13.89
N PHE A 181 11.07 7.51 -12.85
CA PHE A 181 12.14 6.56 -12.70
C PHE A 181 12.10 5.62 -13.84
N LYS A 182 13.29 5.15 -14.23
CA LYS A 182 13.41 3.96 -15.04
C LYS A 182 13.47 2.87 -14.03
N VAL A 183 12.76 1.79 -14.34
CA VAL A 183 12.51 0.73 -13.35
C VAL A 183 13.37 -0.45 -13.75
N LEU A 184 14.25 -0.88 -12.86
CA LEU A 184 15.05 -2.06 -13.10
C LEU A 184 14.25 -3.31 -12.70
N ALA A 185 14.57 -4.43 -13.30
CA ALA A 185 13.80 -5.62 -13.00
C ALA A 185 13.76 -5.80 -11.47
N PRO A 186 12.60 -6.26 -10.93
CA PRO A 186 12.51 -6.41 -9.52
C PRO A 186 13.44 -7.50 -9.11
N GLN A 187 13.94 -7.45 -7.88
CA GLN A 187 14.62 -8.56 -7.33
C GLN A 187 13.62 -9.21 -6.40
N ILE A 188 13.20 -10.43 -6.69
CA ILE A 188 12.23 -11.04 -5.82
C ILE A 188 12.80 -12.28 -5.18
N SER A 189 12.90 -12.27 -3.86
CA SER A 189 13.47 -13.36 -3.11
C SER A 189 12.34 -14.17 -2.50
N PHE A 190 12.00 -15.32 -3.11
CA PHE A 190 10.75 -15.97 -2.72
C PHE A 190 10.91 -16.81 -1.48
N ALA A 191 10.03 -16.59 -0.51
CA ALA A 191 9.84 -17.51 0.62
C ALA A 191 11.11 -17.89 1.38
N PRO A 192 11.92 -16.90 1.82
CA PRO A 192 13.13 -17.23 2.59
C PRO A 192 12.83 -18.06 3.82
N GLU A 193 11.76 -17.76 4.56
CA GLU A 193 11.42 -18.55 5.80
C GLU A 193 11.30 -20.06 5.61
N ILE A 194 10.79 -20.53 4.45
CA ILE A 194 10.64 -21.99 4.26
C ILE A 194 11.77 -22.65 3.44
N ALA A 195 12.68 -21.83 2.91
CA ALA A 195 13.92 -22.29 2.25
C ALA A 195 14.99 -22.77 3.25
N SER A 196 15.85 -23.72 2.85
CA SER A 196 17.15 -23.94 3.55
C SER A 196 17.76 -22.54 3.44
N GLU A 197 18.49 -22.02 4.41
CA GLU A 197 19.91 -22.26 4.63
C GLU A 197 20.78 -22.12 3.38
N GLU A 198 20.92 -23.17 2.60
CA GLU A 198 21.69 -23.07 1.36
C GLU A 198 20.94 -22.27 0.28
N GLU A 199 19.63 -22.50 0.17
CA GLU A 199 18.84 -21.73 -0.76
C GLU A 199 18.85 -20.24 -0.40
N ARG A 200 18.84 -19.91 0.90
CA ARG A 200 18.91 -18.51 1.34
C ARG A 200 20.28 -17.88 0.98
N LYS A 201 21.36 -18.64 1.17
CA LYS A 201 22.68 -18.17 0.77
C LYS A 201 22.69 -17.87 -0.74
N GLY A 202 22.20 -18.85 -1.50
CA GLY A 202 21.94 -18.70 -2.95
C GLY A 202 21.18 -17.42 -3.27
N MET A 203 20.08 -17.17 -2.57
CA MET A 203 19.34 -15.94 -2.85
C MET A 203 20.11 -14.64 -2.50
N VAL A 204 20.77 -14.65 -1.34
CA VAL A 204 21.66 -13.55 -0.98
C VAL A 204 22.81 -13.31 -2.04
N ALA A 205 23.45 -14.37 -2.52
CA ALA A 205 24.54 -14.22 -3.50
C ALA A 205 24.03 -13.91 -4.92
N ALA A 206 22.82 -14.35 -5.26
CA ALA A 206 22.21 -13.92 -6.51
C ALA A 206 22.14 -12.39 -6.48
N TRP A 207 21.71 -11.86 -5.33
CA TRP A 207 21.53 -10.44 -5.18
C TRP A 207 22.90 -9.74 -5.20
N SER A 208 23.85 -10.23 -4.38
CA SER A 208 25.22 -9.70 -4.35
C SER A 208 25.86 -9.69 -5.77
N GLN A 209 25.76 -10.80 -6.47
CA GLN A 209 26.23 -10.91 -7.85
C GLN A 209 25.52 -10.00 -8.86
N ARG A 210 24.19 -9.91 -8.78
CA ARG A 210 23.49 -8.97 -9.59
C ARG A 210 24.00 -7.50 -9.37
N LEU A 211 24.21 -7.12 -8.10
CA LEU A 211 24.69 -5.78 -7.78
C LEU A 211 26.04 -5.48 -8.41
N GLN A 212 26.81 -6.53 -8.69
CA GLN A 212 28.10 -6.35 -9.37
C GLN A 212 27.98 -5.70 -10.71
N THR A 213 26.85 -5.87 -11.41
CA THR A 213 26.73 -5.32 -12.77
C THR A 213 25.49 -4.43 -12.89
N ILE A 214 25.06 -3.84 -11.78
CA ILE A 214 23.77 -3.15 -11.71
C ILE A 214 23.71 -1.96 -12.67
N TRP A 215 24.88 -1.34 -12.91
CA TRP A 215 25.02 -0.15 -13.77
C TRP A 215 24.99 -0.48 -15.25
N LYS A 216 25.19 -1.76 -15.61
CA LYS A 216 25.06 -2.20 -17.00
C LYS A 216 23.62 -2.60 -17.42
N GLU A 217 22.68 -2.68 -16.48
CA GLU A 217 21.34 -3.20 -16.80
C GLU A 217 20.50 -2.33 -17.70
N GLU A 218 19.67 -2.99 -18.50
CA GLU A 218 18.60 -2.31 -19.19
C GLU A 218 17.38 -2.26 -18.26
N PRO A 219 16.71 -1.11 -18.17
CA PRO A 219 15.42 -0.98 -17.46
C PRO A 219 14.33 -1.84 -18.13
N ILE A 220 13.29 -2.23 -17.38
CA ILE A 220 12.22 -3.02 -17.99
C ILE A 220 11.35 -2.07 -18.85
N PRO A 221 10.59 -2.60 -19.85
CA PRO A 221 9.59 -1.67 -20.41
C PRO A 221 8.42 -1.62 -19.43
N CYS A 222 8.30 -0.53 -18.70
CA CYS A 222 7.31 -0.53 -17.62
C CYS A 222 5.89 -0.36 -18.20
N THR A 223 5.39 -1.41 -18.84
CA THR A 223 4.14 -1.25 -19.58
C THR A 223 3.06 -2.19 -19.03
N ALA A 224 1.83 -1.90 -19.42
CA ALA A 224 0.72 -2.81 -19.08
C ALA A 224 1.05 -4.18 -19.69
N HIS A 225 1.43 -4.19 -20.96
CA HIS A 225 1.92 -5.40 -21.60
C HIS A 225 2.96 -6.14 -20.74
N TRP A 226 4.02 -5.48 -20.27
CA TRP A 226 5.02 -6.15 -19.42
C TRP A 226 4.40 -6.84 -18.19
N HIS A 227 3.48 -6.14 -17.51
CA HIS A 227 2.93 -6.63 -16.25
C HIS A 227 1.89 -7.75 -16.39
N PHE A 228 1.13 -7.71 -17.48
CA PHE A 228 -0.11 -8.51 -17.61
C PHE A 228 -0.21 -9.34 -18.89
N GLY A 229 0.50 -8.94 -19.93
CA GLY A 229 0.22 -9.48 -21.29
C GLY A 229 1.07 -10.69 -21.58
N GLN A 230 0.96 -11.21 -22.80
CA GLN A 230 1.83 -12.29 -23.22
C GLN A 230 3.08 -11.87 -24.06
N ALA B 1 -30.95 -5.55 6.42
CA ALA B 1 -32.07 -5.57 7.40
C ALA B 1 -31.53 -5.29 8.83
N GLY B 2 -31.45 -6.36 9.65
CA GLY B 2 -30.59 -6.45 10.86
C GLY B 2 -29.14 -6.83 10.49
N LYS B 3 -28.44 -5.94 9.81
CA LYS B 3 -27.08 -6.21 9.45
C LYS B 3 -26.17 -5.22 10.10
N LYS B 4 -24.90 -5.61 10.24
CA LYS B 4 -23.92 -4.74 10.82
C LYS B 4 -22.89 -4.35 9.78
N VAL B 5 -22.58 -3.04 9.71
CA VAL B 5 -21.64 -2.48 8.82
C VAL B 5 -20.51 -1.73 9.54
N LEU B 6 -19.29 -1.96 9.06
CA LEU B 6 -18.11 -1.23 9.56
C LEU B 6 -17.63 -0.45 8.36
N ILE B 7 -17.58 0.85 8.53
CA ILE B 7 -16.87 1.71 7.56
C ILE B 7 -15.44 2.09 8.05
N VAL B 8 -14.41 1.61 7.35
CA VAL B 8 -13.04 1.97 7.66
C VAL B 8 -12.74 3.15 6.77
N TYR B 9 -12.56 4.31 7.38
CA TYR B 9 -12.52 5.56 6.68
C TYR B 9 -11.20 6.28 6.81
N ALA B 10 -10.65 6.74 5.67
CA ALA B 10 -9.27 7.30 5.64
C ALA B 10 -9.15 8.63 4.88
N HIS B 11 -9.61 9.69 5.48
CA HIS B 11 -9.40 11.01 4.95
C HIS B 11 -9.27 11.96 6.14
N GLN B 12 -8.42 12.99 5.98
CA GLN B 12 -8.09 13.96 7.03
C GLN B 12 -9.18 15.05 7.24
N GLU B 13 -10.04 15.28 6.22
CA GLU B 13 -10.88 16.43 6.14
C GLU B 13 -12.36 16.04 6.07
N PRO B 14 -13.11 16.32 7.13
CA PRO B 14 -14.57 15.98 7.22
C PRO B 14 -15.35 16.60 6.08
N LYS B 15 -14.90 17.76 5.61
CA LYS B 15 -15.62 18.48 4.54
C LYS B 15 -15.28 17.98 3.12
N SER B 16 -14.45 16.93 3.06
CA SER B 16 -13.97 16.45 1.78
C SER B 16 -15.05 15.66 1.07
N PHE B 17 -14.83 15.39 -0.21
CA PHE B 17 -15.65 14.46 -0.96
C PHE B 17 -15.70 13.06 -0.33
N ASN B 18 -14.55 12.52 0.08
CA ASN B 18 -14.56 11.24 0.85
C ASN B 18 -15.43 11.35 2.13
N GLY B 19 -15.34 12.46 2.84
CA GLY B 19 -16.14 12.62 4.02
C GLY B 19 -17.65 12.60 3.69
N SER B 20 -18.05 13.28 2.60
CA SER B 20 -19.43 13.27 2.11
C SER B 20 -19.88 11.81 1.74
N LEU B 21 -19.02 11.04 1.10
CA LEU B 21 -19.38 9.63 0.72
C LEU B 21 -19.52 8.81 1.96
N LYS B 22 -18.67 9.06 2.95
CA LYS B 22 -18.79 8.37 4.27
C LYS B 22 -20.10 8.75 4.97
N ASN B 23 -20.43 10.05 4.96
CA ASN B 23 -21.62 10.45 5.69
C ASN B 23 -22.85 9.96 4.99
N VAL B 24 -22.84 9.90 3.65
CA VAL B 24 -24.06 9.41 3.00
C VAL B 24 -24.29 7.94 3.24
N ALA B 25 -23.19 7.22 3.35
CA ALA B 25 -23.23 5.82 3.71
C ALA B 25 -23.81 5.64 5.11
N VAL B 26 -23.26 6.38 6.08
CA VAL B 26 -23.85 6.37 7.45
C VAL B 26 -25.35 6.67 7.42
N ASP B 27 -25.74 7.77 6.79
CA ASP B 27 -27.13 8.20 6.77
C ASP B 27 -28.03 7.12 6.18
N GLU B 28 -27.62 6.65 4.99
CA GLU B 28 -28.42 5.64 4.29
C GLU B 28 -28.51 4.28 4.99
N LEU B 29 -27.40 3.74 5.45
CA LEU B 29 -27.43 2.47 6.19
C LEU B 29 -28.14 2.62 7.51
N SER B 30 -27.95 3.77 8.15
CA SER B 30 -28.71 4.09 9.37
C SER B 30 -30.27 4.16 9.14
N ARG B 31 -30.67 4.82 8.05
CA ARG B 31 -32.05 4.93 7.65
C ARG B 31 -32.64 3.56 7.44
N GLN B 32 -31.87 2.61 6.91
CA GLN B 32 -32.46 1.26 6.63
C GLN B 32 -32.57 0.44 7.90
N GLY B 33 -32.01 0.95 8.99
CA GLY B 33 -32.18 0.24 10.28
C GLY B 33 -30.91 -0.61 10.50
N CYS B 34 -29.88 -0.50 9.65
CA CYS B 34 -28.58 -1.20 9.94
C CYS B 34 -27.84 -0.62 11.12
N THR B 35 -27.03 -1.44 11.77
CA THR B 35 -26.09 -1.07 12.79
C THR B 35 -24.80 -0.64 12.12
N VAL B 36 -24.31 0.58 12.44
CA VAL B 36 -23.25 1.22 11.67
C VAL B 36 -22.13 1.67 12.60
N THR B 37 -20.88 1.45 12.25
CA THR B 37 -19.75 1.89 13.09
C THR B 37 -18.69 2.40 12.09
N VAL B 38 -17.99 3.44 12.43
CA VAL B 38 -17.03 4.01 11.54
C VAL B 38 -15.69 4.06 12.27
N SER B 39 -14.63 3.53 11.63
CA SER B 39 -13.30 3.74 12.20
C SER B 39 -12.72 4.87 11.38
N ASP B 40 -12.69 6.07 11.96
CA ASP B 40 -12.12 7.25 11.30
C ASP B 40 -10.61 7.30 11.64
N LEU B 41 -9.81 6.68 10.79
CA LEU B 41 -8.43 6.42 11.16
C LEU B 41 -7.64 7.67 11.48
N TYR B 42 -7.74 8.71 10.66
CA TYR B 42 -6.94 9.92 10.99
C TYR B 42 -7.38 10.52 12.32
N ALA B 43 -8.69 10.54 12.60
CA ALA B 43 -9.17 11.12 13.85
C ALA B 43 -8.71 10.31 15.03
N MET B 44 -8.60 9.00 14.85
CA MET B 44 -8.10 8.17 15.92
C MET B 44 -6.54 8.27 16.03
N ASN B 45 -5.86 8.94 15.10
CA ASN B 45 -4.39 8.84 15.04
C ASN B 45 -3.94 7.36 14.97
N PHE B 46 -4.64 6.58 14.15
CA PHE B 46 -4.39 5.15 14.06
C PHE B 46 -2.93 4.89 13.73
N GLU B 47 -2.29 4.00 14.49
CA GLU B 47 -0.88 3.64 14.36
C GLU B 47 -0.68 2.73 13.12
N PRO B 48 0.10 3.19 12.10
CA PRO B 48 0.21 2.31 10.92
C PRO B 48 1.37 1.32 10.97
N ARG B 49 2.31 1.51 11.87
CA ARG B 49 3.58 0.82 11.73
C ARG B 49 3.48 -0.53 12.46
N ALA B 50 3.90 -1.58 11.80
CA ALA B 50 3.97 -2.91 12.42
C ALA B 50 5.29 -2.98 13.23
N THR B 51 5.17 -2.81 14.55
CA THR B 51 6.34 -2.90 15.41
C THR B 51 6.15 -3.89 16.57
N ASP B 52 7.21 -4.08 17.37
CA ASP B 52 7.15 -4.99 18.48
C ASP B 52 6.33 -4.40 19.58
N LYS B 53 5.93 -3.13 19.46
CA LYS B 53 4.97 -2.57 20.43
C LYS B 53 3.56 -3.18 20.31
N ASP B 54 3.28 -3.92 19.21
CA ASP B 54 1.94 -4.48 19.00
C ASP B 54 1.70 -5.78 19.77
N ILE B 55 2.72 -6.25 20.48
CA ILE B 55 2.64 -7.41 21.31
C ILE B 55 2.98 -7.02 22.75
N THR B 56 2.17 -7.41 23.72
CA THR B 56 2.53 -7.05 25.09
C THR B 56 3.27 -8.14 25.93
N GLY B 57 3.11 -9.43 25.67
CA GLY B 57 3.87 -10.40 26.54
C GLY B 57 5.30 -10.79 26.10
N THR B 58 5.84 -11.80 26.77
CA THR B 58 7.08 -12.45 26.37
C THR B 58 6.98 -12.85 24.89
N LEU B 59 8.00 -12.50 24.10
CA LEU B 59 8.08 -12.95 22.71
C LEU B 59 8.49 -14.43 22.58
N SER B 60 7.99 -15.11 21.54
CA SER B 60 8.45 -16.49 21.25
C SER B 60 9.92 -16.46 20.97
N ASN B 61 10.37 -15.45 20.23
CA ASN B 61 11.79 -15.34 19.94
C ASN B 61 12.29 -13.92 20.05
N PRO B 62 12.67 -13.50 21.27
CA PRO B 62 13.05 -12.09 21.44
C PRO B 62 14.44 -11.74 20.80
N GLU B 63 15.26 -12.75 20.45
CA GLU B 63 16.56 -12.55 19.79
C GLU B 63 16.37 -12.05 18.30
N VAL B 64 15.36 -12.58 17.62
CA VAL B 64 15.12 -12.26 16.23
C VAL B 64 13.65 -11.99 16.05
N PHE B 65 13.30 -10.71 16.00
CA PHE B 65 11.92 -10.29 15.92
C PHE B 65 11.31 -10.56 14.54
N ASN B 66 10.28 -11.40 14.50
CA ASN B 66 9.55 -11.72 13.28
C ASN B 66 8.10 -11.30 13.52
N TYR B 67 7.68 -10.19 12.91
CA TYR B 67 6.39 -9.59 13.18
C TYR B 67 5.18 -10.53 12.92
N GLY B 68 5.18 -11.23 11.79
CA GLY B 68 4.15 -12.22 11.48
C GLY B 68 4.08 -13.33 12.54
N VAL B 69 5.21 -13.96 12.90
CA VAL B 69 5.22 -15.04 13.94
C VAL B 69 4.75 -14.52 15.32
N GLU B 70 5.21 -13.33 15.71
CA GLU B 70 4.95 -12.84 17.08
C GLU B 70 3.50 -12.37 17.21
N THR B 71 2.93 -11.76 16.15
CA THR B 71 1.55 -11.36 16.18
C THR B 71 0.58 -12.55 16.13
N HIS B 72 0.93 -13.59 15.36
CA HIS B 72 0.17 -14.77 15.27
C HIS B 72 0.08 -15.33 16.68
N GLU B 73 1.26 -15.55 17.31
CA GLU B 73 1.30 -16.06 18.67
C GLU B 73 0.52 -15.12 19.67
N ALA B 74 0.76 -13.82 19.57
CA ALA B 74 0.06 -12.84 20.43
C ALA B 74 -1.45 -12.82 20.24
N TYR B 75 -1.90 -13.14 19.02
CA TYR B 75 -3.33 -13.22 18.75
C TYR B 75 -3.93 -14.36 19.58
N LYS B 76 -3.30 -15.53 19.53
CA LYS B 76 -3.76 -16.72 20.25
C LYS B 76 -3.69 -16.52 21.77
N GLN B 77 -2.71 -15.75 22.23
CA GLN B 77 -2.51 -15.51 23.67
C GLN B 77 -3.33 -14.32 24.20
N ARG B 78 -3.98 -13.58 23.30
CA ARG B 78 -4.68 -12.33 23.59
C ARG B 78 -3.71 -11.27 24.16
N SER B 79 -2.55 -11.14 23.55
CA SER B 79 -1.63 -10.13 24.03
C SER B 79 -1.26 -9.08 22.97
N LEU B 80 -2.13 -8.92 21.97
CA LEU B 80 -1.94 -7.84 20.99
C LEU B 80 -2.30 -6.53 21.65
N ALA B 81 -1.73 -5.44 21.12
CA ALA B 81 -2.07 -4.09 21.58
C ALA B 81 -3.59 -3.93 21.42
N SER B 82 -4.20 -3.09 22.28
CA SER B 82 -5.67 -2.98 22.31
C SER B 82 -6.22 -2.25 21.11
N ASP B 83 -5.42 -1.39 20.49
CA ASP B 83 -5.96 -0.72 19.30
C ASP B 83 -6.22 -1.77 18.20
N ILE B 84 -5.37 -2.80 18.10
CA ILE B 84 -5.59 -3.87 17.10
C ILE B 84 -6.83 -4.66 17.51
N THR B 85 -6.91 -5.08 18.79
CA THR B 85 -8.04 -5.90 19.15
C THR B 85 -9.36 -5.14 19.06
N ASP B 86 -9.38 -3.84 19.37
CA ASP B 86 -10.57 -3.01 19.16
C ASP B 86 -11.07 -3.07 17.70
N GLU B 87 -10.18 -2.97 16.72
CA GLU B 87 -10.60 -3.08 15.30
C GLU B 87 -11.02 -4.50 14.96
N GLN B 88 -10.36 -5.48 15.53
CA GLN B 88 -10.77 -6.86 15.26
C GLN B 88 -12.20 -7.16 15.70
N LYS B 89 -12.58 -6.56 16.83
CA LYS B 89 -13.96 -6.77 17.31
C LYS B 89 -14.97 -6.15 16.36
N LYS B 90 -14.63 -4.96 15.86
CA LYS B 90 -15.48 -4.30 14.86
C LYS B 90 -15.65 -5.15 13.62
N VAL B 91 -14.53 -5.71 13.13
CA VAL B 91 -14.57 -6.62 11.96
C VAL B 91 -15.32 -7.91 12.21
N ARG B 92 -15.10 -8.50 13.38
CA ARG B 92 -15.76 -9.74 13.77
C ARG B 92 -17.29 -9.60 13.77
N GLU B 93 -17.80 -8.49 14.29
CA GLU B 93 -19.25 -8.31 14.38
C GLU B 93 -19.83 -7.86 13.03
N ALA B 94 -19.00 -7.26 12.16
CA ALA B 94 -19.52 -6.73 10.89
C ALA B 94 -19.99 -7.82 9.90
N ASP B 95 -21.06 -7.51 9.17
CA ASP B 95 -21.47 -8.36 8.07
C ASP B 95 -20.87 -7.80 6.82
N LEU B 96 -20.68 -6.48 6.81
CA LEU B 96 -20.14 -5.83 5.61
C LEU B 96 -19.07 -4.81 6.09
N VAL B 97 -17.90 -4.78 5.42
CA VAL B 97 -16.86 -3.81 5.68
C VAL B 97 -16.68 -2.96 4.42
N ILE B 98 -16.93 -1.64 4.57
CA ILE B 98 -16.72 -0.67 3.46
C ILE B 98 -15.46 0.05 3.82
N PHE B 99 -14.54 0.16 2.86
CA PHE B 99 -13.34 0.97 2.98
C PHE B 99 -13.59 2.22 2.15
N GLN B 100 -13.53 3.40 2.79
CA GLN B 100 -13.75 4.65 2.09
C GLN B 100 -12.43 5.43 2.06
N PHE B 101 -11.84 5.67 0.87
CA PHE B 101 -10.52 6.29 0.85
C PHE B 101 -10.26 6.90 -0.49
N PRO B 102 -9.42 7.96 -0.50
CA PRO B 102 -8.84 8.40 -1.75
C PRO B 102 -7.67 7.52 -2.16
N LEU B 103 -7.51 7.33 -3.47
CA LEU B 103 -6.45 6.51 -4.05
C LEU B 103 -5.16 7.29 -3.82
N TYR B 104 -4.16 6.63 -3.25
CA TYR B 104 -2.82 7.15 -3.06
C TYR B 104 -1.86 6.15 -3.70
N TRP B 105 -1.18 6.60 -4.75
CA TRP B 105 -0.24 5.72 -5.46
C TRP B 105 -0.83 4.37 -5.79
N PHE B 106 -2.03 4.42 -6.37
CA PHE B 106 -2.66 3.23 -6.96
C PHE B 106 -2.99 2.21 -5.86
N SER B 107 -3.19 2.74 -4.65
CA SER B 107 -3.36 1.91 -3.46
C SER B 107 -4.13 2.68 -2.36
N VAL B 108 -4.13 2.17 -1.13
CA VAL B 108 -4.74 2.86 -0.02
C VAL B 108 -3.68 3.83 0.60
N PRO B 109 -4.10 4.96 1.20
CA PRO B 109 -3.22 5.81 2.00
C PRO B 109 -2.55 4.97 3.05
N ALA B 110 -1.32 5.29 3.40
CA ALA B 110 -0.56 4.45 4.39
C ALA B 110 -1.27 4.23 5.71
N ILE B 111 -2.03 5.22 6.19
CA ILE B 111 -2.78 4.96 7.45
C ILE B 111 -3.72 3.77 7.37
N LEU B 112 -4.30 3.56 6.21
CA LEU B 112 -5.22 2.48 5.98
C LEU B 112 -4.46 1.20 5.62
N LYS B 113 -3.33 1.31 4.92
CA LYS B 113 -2.42 0.19 4.77
C LYS B 113 -1.97 -0.34 6.11
N GLY B 114 -1.72 0.56 7.07
CA GLY B 114 -1.33 0.11 8.43
C GLY B 114 -2.43 -0.64 9.14
N TRP B 115 -3.68 -0.22 8.87
CA TRP B 115 -4.82 -0.90 9.43
C TRP B 115 -4.88 -2.34 8.84
N MET B 116 -4.66 -2.51 7.53
CA MET B 116 -4.69 -3.88 7.00
CA MET B 116 -4.63 -3.87 6.93
C MET B 116 -3.53 -4.69 7.57
N ASP B 117 -2.35 -4.10 7.59
CA ASP B 117 -1.16 -4.80 8.04
C ASP B 117 -1.33 -5.32 9.47
N ARG B 118 -1.84 -4.46 10.36
CA ARG B 118 -1.87 -4.74 11.79
C ARG B 118 -3.12 -5.46 12.25
N VAL B 119 -4.24 -5.18 11.62
CA VAL B 119 -5.52 -5.74 12.09
C VAL B 119 -5.78 -7.12 11.54
N LEU B 120 -5.41 -7.32 10.28
CA LEU B 120 -5.66 -8.63 9.69
C LEU B 120 -4.55 -9.64 9.93
N CYS B 121 -4.35 -10.03 11.18
CA CYS B 121 -3.18 -10.80 11.52
C CYS B 121 -3.50 -12.30 11.36
N GLN B 122 -2.44 -13.12 11.34
CA GLN B 122 -2.59 -14.56 11.22
C GLN B 122 -3.32 -15.06 12.49
N GLY B 123 -4.20 -16.04 12.34
CA GLY B 123 -5.05 -16.43 13.46
C GLY B 123 -6.40 -15.72 13.48
N PHE B 124 -6.43 -14.46 13.16
CA PHE B 124 -7.68 -13.68 13.18
C PHE B 124 -8.33 -13.69 11.79
N ALA B 125 -7.55 -13.29 10.78
CA ALA B 125 -8.10 -13.02 9.47
C ALA B 125 -7.88 -14.20 8.52
N PHE B 126 -6.83 -14.98 8.77
CA PHE B 126 -6.49 -16.14 7.95
C PHE B 126 -5.58 -17.03 8.77
N ASP B 127 -5.38 -18.26 8.29
CA ASP B 127 -4.33 -19.06 8.83
C ASP B 127 -3.62 -19.78 7.68
N ILE B 128 -2.48 -20.41 7.96
CA ILE B 128 -1.82 -21.25 6.98
C ILE B 128 -1.94 -22.68 7.46
N PRO B 129 -2.92 -23.45 6.90
CA PRO B 129 -3.92 -23.16 5.81
C PRO B 129 -5.24 -22.54 6.32
N GLY B 130 -6.11 -22.06 5.43
CA GLY B 130 -7.18 -21.16 5.89
C GLY B 130 -7.10 -19.79 5.23
N PHE B 131 -7.10 -19.78 3.90
CA PHE B 131 -7.04 -18.52 3.17
C PHE B 131 -7.76 -18.62 1.85
N TYR B 132 -7.82 -17.50 1.14
CA TYR B 132 -8.73 -17.30 0.01
C TYR B 132 -10.08 -17.84 0.43
N ASP B 133 -10.61 -18.87 -0.25
CA ASP B 133 -12.00 -19.34 0.03
C ASP B 133 -12.12 -19.98 1.40
N SER B 134 -11.00 -20.41 2.02
CA SER B 134 -11.03 -20.90 3.40
CA SER B 134 -11.07 -20.88 3.42
C SER B 134 -10.56 -19.83 4.43
N GLY B 135 -10.43 -18.57 3.99
CA GLY B 135 -10.00 -17.53 4.92
C GLY B 135 -10.96 -17.44 6.08
N LEU B 136 -10.52 -16.85 7.18
CA LEU B 136 -11.30 -16.87 8.43
C LEU B 136 -12.42 -15.87 8.50
N LEU B 137 -12.42 -14.92 7.59
CA LEU B 137 -13.50 -13.95 7.57
C LEU B 137 -14.52 -14.37 6.49
N GLN B 138 -14.53 -15.67 6.11
CA GLN B 138 -15.59 -16.16 5.21
C GLN B 138 -17.02 -15.86 5.70
N GLY B 139 -17.88 -15.53 4.76
CA GLY B 139 -19.24 -15.20 5.09
C GLY B 139 -19.40 -13.68 5.27
N LYS B 140 -18.31 -12.90 5.22
CA LYS B 140 -18.37 -11.43 5.37
C LYS B 140 -18.21 -10.84 4.02
N LEU B 141 -18.81 -9.66 3.86
CA LEU B 141 -18.67 -8.87 2.59
C LEU B 141 -17.73 -7.68 2.76
N ALA B 142 -17.01 -7.31 1.69
CA ALA B 142 -16.19 -6.09 1.72
C ALA B 142 -16.42 -5.36 0.43
N LEU B 143 -16.24 -4.05 0.51
CA LEU B 143 -16.47 -3.19 -0.64
C LEU B 143 -15.43 -2.05 -0.56
N LEU B 144 -14.76 -1.76 -1.68
CA LEU B 144 -13.88 -0.62 -1.73
C LEU B 144 -14.65 0.57 -2.40
N SER B 145 -14.78 1.65 -1.65
CA SER B 145 -15.27 2.90 -2.22
C SER B 145 -14.06 3.89 -2.34
N VAL B 146 -13.62 4.18 -3.59
CA VAL B 146 -12.35 4.83 -3.86
C VAL B 146 -12.66 6.08 -4.64
N THR B 147 -11.94 7.16 -4.32
CA THR B 147 -11.95 8.37 -5.10
C THR B 147 -10.58 8.47 -5.80
N THR B 148 -10.56 9.06 -6.99
CA THR B 148 -9.31 9.27 -7.69
C THR B 148 -9.07 10.73 -8.11
N GLY B 149 -7.81 11.11 -8.31
CA GLY B 149 -7.43 12.32 -9.10
C GLY B 149 -7.65 12.11 -10.61
N GLY B 150 -7.38 10.90 -11.11
CA GLY B 150 -7.47 10.62 -12.58
C GLY B 150 -8.90 10.35 -13.09
N THR B 151 -9.17 10.74 -14.34
CA THR B 151 -10.53 10.56 -14.91
C THR B 151 -10.80 9.07 -15.23
N ALA B 152 -12.06 8.72 -15.47
CA ALA B 152 -12.41 7.36 -15.89
C ALA B 152 -11.58 6.93 -17.11
N GLU B 153 -11.49 7.84 -18.07
CA GLU B 153 -10.73 7.62 -19.29
C GLU B 153 -9.23 7.38 -19.12
N MET B 154 -8.60 8.07 -18.16
CA MET B 154 -7.18 7.79 -17.86
C MET B 154 -7.06 6.35 -17.32
N TYR B 155 -8.07 5.91 -16.59
CA TYR B 155 -8.15 4.52 -16.09
C TYR B 155 -8.85 3.47 -17.01
N THR B 156 -8.45 3.39 -18.27
CA THR B 156 -8.97 2.33 -19.13
C THR B 156 -7.77 1.61 -19.67
N LYS B 157 -8.01 0.41 -20.20
CA LYS B 157 -6.95 -0.44 -20.73
C LYS B 157 -6.00 0.39 -21.61
N THR B 158 -6.53 1.18 -22.52
CA THR B 158 -5.65 1.98 -23.40
C THR B 158 -5.35 3.43 -22.87
N GLY B 159 -5.75 3.76 -21.64
CA GLY B 159 -5.42 5.09 -21.05
C GLY B 159 -4.06 5.03 -20.36
N VAL B 160 -3.50 6.16 -19.94
CA VAL B 160 -2.14 6.16 -19.37
C VAL B 160 -2.02 5.29 -18.13
N ASN B 161 -3.12 5.22 -17.36
CA ASN B 161 -3.05 4.56 -16.07
C ASN B 161 -3.34 3.06 -16.13
N GLY B 162 -3.78 2.56 -17.30
CA GLY B 162 -4.29 1.20 -17.37
C GLY B 162 -5.69 1.07 -16.72
N ASP B 163 -6.33 -0.07 -16.89
CA ASP B 163 -7.67 -0.24 -16.35
C ASP B 163 -7.67 -0.04 -14.83
N SER B 164 -8.74 0.57 -14.28
CA SER B 164 -8.90 0.70 -12.82
C SER B 164 -8.82 -0.62 -12.13
N ARG B 165 -9.33 -1.67 -12.79
CA ARG B 165 -9.33 -2.97 -12.09
C ARG B 165 -7.89 -3.44 -11.74
N TYR B 166 -6.91 -3.06 -12.56
CA TYR B 166 -5.51 -3.50 -12.32
C TYR B 166 -5.02 -3.13 -10.94
N PHE B 167 -5.31 -1.89 -10.53
CA PHE B 167 -4.86 -1.47 -9.20
C PHE B 167 -5.70 -2.09 -8.06
N LEU B 168 -6.86 -2.66 -8.37
CA LEU B 168 -7.67 -3.28 -7.32
C LEU B 168 -7.15 -4.65 -6.88
N TRP B 169 -6.32 -5.30 -7.69
CA TRP B 169 -5.87 -6.67 -7.41
C TRP B 169 -5.25 -6.89 -6.02
N PRO B 170 -4.26 -6.03 -5.62
CA PRO B 170 -3.64 -6.31 -4.30
C PRO B 170 -4.65 -6.17 -3.14
N LEU B 171 -5.67 -5.34 -3.34
CA LEU B 171 -6.62 -5.00 -2.24
C LEU B 171 -7.74 -6.05 -2.27
N GLN B 172 -8.35 -6.25 -3.42
CA GLN B 172 -9.50 -7.12 -3.49
C GLN B 172 -9.06 -8.57 -3.36
N HIS B 173 -8.03 -8.96 -4.15
CA HIS B 173 -7.67 -10.36 -4.19
C HIS B 173 -6.62 -10.61 -3.10
N GLY B 174 -5.55 -9.81 -3.11
CA GLY B 174 -4.39 -10.21 -2.33
C GLY B 174 -4.75 -10.03 -0.84
N THR B 175 -5.67 -9.08 -0.52
CA THR B 175 -5.95 -8.84 0.91
C THR B 175 -7.35 -9.35 1.31
N LEU B 176 -8.41 -8.81 0.71
CA LEU B 176 -9.78 -9.19 1.16
C LEU B 176 -10.15 -10.63 0.82
N HIS B 177 -10.02 -11.02 -0.42
CA HIS B 177 -10.34 -12.38 -0.80
C HIS B 177 -9.41 -13.37 0.01
N PHE B 178 -8.15 -12.99 0.19
CA PHE B 178 -7.19 -13.83 0.85
C PHE B 178 -7.71 -14.13 2.30
N CYS B 179 -8.38 -13.15 2.88
CA CYS B 179 -8.97 -13.31 4.26
C CYS B 179 -10.35 -13.97 4.29
N GLY B 180 -10.82 -14.42 3.11
CA GLY B 180 -12.12 -15.03 3.02
C GLY B 180 -13.29 -14.14 2.70
N PHE B 181 -13.10 -12.82 2.61
CA PHE B 181 -14.27 -11.99 2.26
C PHE B 181 -14.78 -12.31 0.85
N LYS B 182 -16.07 -12.16 0.65
CA LYS B 182 -16.57 -11.97 -0.68
C LYS B 182 -16.52 -10.47 -0.95
N VAL B 183 -16.17 -10.10 -2.19
CA VAL B 183 -15.92 -8.72 -2.51
C VAL B 183 -17.08 -8.22 -3.37
N LEU B 184 -17.77 -7.19 -2.92
CA LEU B 184 -18.81 -6.54 -3.78
C LEU B 184 -18.08 -5.67 -4.78
N ALA B 185 -18.72 -5.32 -5.90
CA ALA B 185 -18.14 -4.45 -6.93
C ALA B 185 -17.69 -3.10 -6.34
N PRO B 186 -16.52 -2.62 -6.77
CA PRO B 186 -16.00 -1.41 -6.13
C PRO B 186 -16.87 -0.23 -6.53
N GLN B 187 -16.90 0.82 -5.69
CA GLN B 187 -17.56 2.06 -6.06
C GLN B 187 -16.41 2.96 -6.41
N ILE B 188 -16.26 3.42 -7.64
CA ILE B 188 -15.13 4.32 -7.86
C ILE B 188 -15.71 5.63 -8.31
N SER B 189 -15.41 6.68 -7.57
CA SER B 189 -15.82 8.00 -7.89
C SER B 189 -14.66 8.74 -8.52
N PHE B 190 -14.64 8.83 -9.85
CA PHE B 190 -13.50 9.40 -10.59
C PHE B 190 -13.46 10.93 -10.55
N ALA B 191 -12.26 11.42 -10.26
CA ALA B 191 -11.90 12.81 -10.49
C ALA B 191 -12.93 13.79 -9.97
N PRO B 192 -13.28 13.71 -8.66
CA PRO B 192 -14.23 14.75 -8.17
C PRO B 192 -13.68 16.17 -8.17
N GLU B 193 -12.36 16.31 -8.11
CA GLU B 193 -11.76 17.61 -8.02
C GLU B 193 -12.02 18.35 -9.32
N ILE B 194 -11.95 17.64 -10.44
CA ILE B 194 -12.24 18.29 -11.72
C ILE B 194 -13.71 18.26 -12.19
N ALA B 195 -14.48 17.30 -11.68
CA ALA B 195 -15.93 17.26 -11.91
C ALA B 195 -16.61 18.62 -11.62
N SER B 196 -17.69 18.94 -12.36
CA SER B 196 -18.52 20.07 -12.01
C SER B 196 -19.28 19.76 -10.71
N GLU B 197 -19.79 20.82 -10.11
CA GLU B 197 -20.52 20.76 -8.85
C GLU B 197 -21.73 19.81 -8.95
N GLU B 198 -22.31 19.78 -10.14
CA GLU B 198 -23.46 18.96 -10.44
C GLU B 198 -23.05 17.47 -10.59
N GLU B 199 -21.95 17.19 -11.28
CA GLU B 199 -21.48 15.82 -11.46
C GLU B 199 -21.04 15.25 -10.13
N ARG B 200 -20.49 16.12 -9.27
CA ARG B 200 -20.09 15.72 -7.91
C ARG B 200 -21.27 15.27 -7.08
N LYS B 201 -22.37 15.99 -7.19
CA LYS B 201 -23.57 15.62 -6.47
C LYS B 201 -24.19 14.35 -7.04
N GLY B 202 -24.15 14.17 -8.36
CA GLY B 202 -24.56 12.92 -8.98
C GLY B 202 -23.77 11.72 -8.46
N MET B 203 -22.45 11.87 -8.31
CA MET B 203 -21.65 10.77 -7.77
C MET B 203 -22.00 10.45 -6.32
N VAL B 204 -22.22 11.46 -5.49
CA VAL B 204 -22.66 11.21 -4.12
C VAL B 204 -24.05 10.50 -4.09
N ALA B 205 -24.96 10.89 -4.97
CA ALA B 205 -26.31 10.34 -5.00
C ALA B 205 -26.29 8.94 -5.59
N ALA B 206 -25.46 8.71 -6.62
CA ALA B 206 -25.27 7.35 -7.15
C ALA B 206 -24.81 6.37 -6.05
N TRP B 207 -23.91 6.78 -5.18
CA TRP B 207 -23.48 5.94 -4.04
C TRP B 207 -24.62 5.68 -3.06
N SER B 208 -25.28 6.75 -2.63
CA SER B 208 -26.46 6.69 -1.74
C SER B 208 -27.55 5.79 -2.35
N GLN B 209 -27.83 6.00 -3.64
CA GLN B 209 -28.78 5.17 -4.39
C GLN B 209 -28.35 3.68 -4.44
N ARG B 210 -27.07 3.39 -4.63
CA ARG B 210 -26.64 2.01 -4.68
C ARG B 210 -26.80 1.34 -3.32
N LEU B 211 -26.50 2.07 -2.26
CA LEU B 211 -26.56 1.53 -0.95
C LEU B 211 -28.00 1.13 -0.60
N GLN B 212 -29.01 1.82 -1.15
CA GLN B 212 -30.40 1.36 -0.89
C GLN B 212 -30.57 -0.17 -1.12
N THR B 213 -29.87 -0.74 -2.12
CA THR B 213 -30.09 -2.17 -2.45
C THR B 213 -28.84 -3.02 -2.30
N ILE B 214 -27.88 -2.54 -1.48
CA ILE B 214 -26.56 -3.27 -1.27
C ILE B 214 -26.74 -4.73 -0.79
N TRP B 215 -27.83 -5.01 -0.05
CA TRP B 215 -27.99 -6.32 0.57
C TRP B 215 -28.51 -7.35 -0.47
N LYS B 216 -28.96 -6.84 -1.62
CA LYS B 216 -29.36 -7.72 -2.76
C LYS B 216 -28.20 -8.06 -3.72
N GLU B 217 -27.03 -7.45 -3.55
CA GLU B 217 -25.91 -7.62 -4.50
C GLU B 217 -25.23 -8.94 -4.27
N GLU B 218 -24.63 -9.49 -5.32
CA GLU B 218 -23.88 -10.69 -5.28
C GLU B 218 -22.45 -10.23 -5.41
N PRO B 219 -21.51 -10.96 -4.80
CA PRO B 219 -20.13 -10.47 -5.04
C PRO B 219 -19.58 -10.74 -6.44
N ILE B 220 -18.42 -10.15 -6.76
CA ILE B 220 -17.69 -10.40 -8.01
C ILE B 220 -16.97 -11.76 -7.95
N PRO B 221 -16.64 -12.30 -9.14
CA PRO B 221 -15.73 -13.41 -9.14
C PRO B 221 -14.33 -12.79 -8.95
N CYS B 222 -13.78 -12.86 -7.75
CA CYS B 222 -12.52 -12.13 -7.48
C CYS B 222 -11.34 -12.99 -8.03
N THR B 223 -11.16 -12.96 -9.36
CA THR B 223 -10.18 -13.83 -10.02
C THR B 223 -9.26 -12.97 -10.85
N ALA B 224 -8.15 -13.55 -11.31
CA ALA B 224 -7.23 -12.89 -12.25
C ALA B 224 -7.97 -12.44 -13.50
N HIS B 225 -8.83 -13.31 -14.05
CA HIS B 225 -9.60 -12.96 -15.27
C HIS B 225 -10.48 -11.70 -15.05
N TRP B 226 -11.18 -11.63 -13.92
CA TRP B 226 -12.02 -10.50 -13.68
C TRP B 226 -11.17 -9.20 -13.66
N HIS B 227 -10.04 -9.22 -12.98
CA HIS B 227 -9.19 -8.04 -12.91
C HIS B 227 -8.47 -7.70 -14.24
N PHE B 228 -7.97 -8.72 -14.93
CA PHE B 228 -7.00 -8.55 -16.02
C PHE B 228 -7.50 -8.92 -17.45
N GLY B 229 -8.66 -9.56 -17.57
CA GLY B 229 -9.20 -9.96 -18.90
C GLY B 229 -8.25 -11.04 -19.42
N GLN B 230 -7.99 -11.07 -20.74
CA GLN B 230 -6.81 -11.83 -21.32
C GLN B 230 -7.15 -13.32 -21.60
#